data_5H3W
#
_entry.id   5H3W
#
_cell.length_a   40.338
_cell.length_b   103.645
_cell.length_c   83.278
_cell.angle_alpha   90.00
_cell.angle_beta   92.19
_cell.angle_gamma   90.00
#
_symmetry.space_group_name_H-M   'P 1 21 1'
#
loop_
_entity.id
_entity.type
_entity.pdbx_description
1 polymer 'Fibronectin/fibrinogen binding protein'
2 polymer 'Fibronectin/fibrinogen binding protein'
3 water water
#
loop_
_entity_poly.entity_id
_entity_poly.type
_entity_poly.pdbx_seq_one_letter_code
_entity_poly.pdbx_strand_id
1 'polypeptide(L)'
;DRVAQQANELIKRVASELEKNRKKLIKQEQELADTETAELVRQKGELLTTYVHQVPNDQSSVRLDNYYTGKELEIELDVA
LTPSQNAQRYFKKYQKLKEAVKHLTNLIEETKSTIVYLESVDTMLGQASLAEIDEIREELIETGYLKRRHREKIHKRQKP
ERYLATDGKTIILVGKNNLQNDELTFKMAKKGELWFHAKDIPGSHVVITDNLDPSDEVKTDAAELAAYFSKARHSNLVQV
DMIEAKKLHKPTGGKPGFVTYRGQKTLRVTPTEDKIKSMKI
;
A
2 'polypeptide(L)'
;RDRVAQQANELIKRVASELEKNRKKLIKQEQELADTETAELVRQKGEILTTYVHQVPNDQSSVRLDNYYTGKELEIELDV
ALTPSQNAQRYFKKYQKLKEAVKHLTNLIEETKSTIVYLESVDTMLGQASLAEIDEIREELIETGYLKRRHREKIHKRQK
PERYLATDGKTIILVGKNNLQNDELTFKMAKKGELWFHAKDIPGSHVVITDNLDPSDEVKTDAAELAAYFSKARHSNLVQ
VDMIEAKKLHKPTGGKPGFVTYRGQKTLRVTPTEDKIKSMKI
;
B
#
# COMPACT_ATOMS: atom_id res chain seq x y z
N ASP A 1 6.90 -7.18 -28.63
CA ASP A 1 5.57 -7.46 -28.14
C ASP A 1 5.55 -7.41 -26.66
N ARG A 2 6.03 -6.33 -26.06
CA ARG A 2 6.17 -6.30 -24.63
C ARG A 2 5.56 -5.07 -24.02
N VAL A 3 5.93 -3.95 -24.58
CA VAL A 3 5.57 -2.61 -24.06
C VAL A 3 4.05 -2.47 -23.80
N ALA A 4 3.23 -2.84 -24.77
CA ALA A 4 1.76 -2.81 -24.61
C ALA A 4 1.23 -3.90 -23.69
N GLN A 5 1.81 -5.09 -23.82
CA GLN A 5 1.50 -6.21 -22.95
C GLN A 5 1.77 -5.84 -21.48
N GLN A 6 2.85 -5.10 -21.22
CA GLN A 6 3.16 -4.60 -19.89
C GLN A 6 2.16 -3.52 -19.50
N ALA A 7 1.71 -2.74 -20.49
CA ALA A 7 0.68 -1.76 -20.24
C ALA A 7 -0.59 -2.52 -19.91
N ASN A 8 -0.70 -3.72 -20.45
CA ASN A 8 -1.90 -4.50 -20.22
C ASN A 8 -1.95 -5.17 -18.84
N GLU A 9 -0.86 -5.81 -18.42
CA GLU A 9 -0.79 -6.45 -17.09
C GLU A 9 -0.96 -5.44 -15.98
N LEU A 10 -0.37 -4.27 -16.19
CA LEU A 10 -0.51 -3.15 -15.28
C LEU A 10 -1.99 -2.75 -15.16
N ILE A 11 -2.67 -2.68 -16.30
CA ILE A 11 -4.09 -2.37 -16.30
C ILE A 11 -4.88 -3.47 -15.61
N LYS A 12 -4.55 -4.73 -15.89
CA LYS A 12 -5.24 -5.82 -15.20
C LYS A 12 -4.96 -5.82 -13.70
N ARG A 13 -3.76 -5.42 -13.32
CA ARG A 13 -3.38 -5.37 -11.91
C ARG A 13 -4.21 -4.35 -11.12
N VAL A 14 -4.36 -3.13 -11.62
CA VAL A 14 -5.17 -2.15 -10.90
C VAL A 14 -6.61 -2.66 -10.77
N ALA A 15 -7.10 -3.34 -11.81
CA ALA A 15 -8.46 -3.87 -11.79
C ALA A 15 -8.61 -4.98 -10.73
N SER A 16 -7.62 -5.85 -10.59
CA SER A 16 -7.69 -6.90 -9.58
C SER A 16 -7.69 -6.32 -8.18
N GLU A 17 -6.84 -5.33 -7.95
CA GLU A 17 -6.82 -4.67 -6.66
C GLU A 17 -8.17 -4.02 -6.33
N LEU A 18 -8.77 -3.33 -7.31
CA LEU A 18 -10.09 -2.71 -7.09
C LEU A 18 -11.11 -3.75 -6.65
N GLU A 19 -11.14 -4.85 -7.38
CA GLU A 19 -12.06 -5.94 -7.08
C GLU A 19 -11.80 -6.44 -5.68
N LYS A 20 -10.51 -6.61 -5.34
CA LYS A 20 -10.12 -7.12 -4.03
C LYS A 20 -10.60 -6.17 -2.91
N ASN A 21 -10.45 -4.85 -3.09
CA ASN A 21 -10.87 -3.92 -2.04
C ASN A 21 -12.38 -3.71 -1.91
N ARG A 22 -13.10 -3.90 -3.00
CA ARG A 22 -14.55 -3.81 -2.96
C ARG A 22 -15.12 -5.01 -2.19
N LYS A 23 -14.54 -6.20 -2.39
CA LYS A 23 -14.93 -7.37 -1.63
C LYS A 23 -14.61 -7.17 -0.14
N LYS A 24 -13.48 -6.53 0.10
CA LYS A 24 -13.06 -6.25 1.44
C LYS A 24 -13.98 -5.24 2.06
N LEU A 25 -14.43 -4.28 1.26
CA LEU A 25 -15.28 -3.23 1.82
C LEU A 25 -16.63 -3.75 2.30
N ILE A 26 -17.25 -4.61 1.51
CA ILE A 26 -18.57 -5.15 1.85
C ILE A 26 -18.46 -6.03 3.10
N LYS A 27 -17.35 -6.75 3.20
CA LYS A 27 -17.11 -7.63 4.34
C LYS A 27 -16.99 -6.80 5.61
N GLN A 28 -16.23 -5.72 5.51
CA GLN A 28 -16.06 -4.82 6.65
C GLN A 28 -17.38 -4.15 7.05
N GLU A 29 -18.17 -3.75 6.06
CA GLU A 29 -19.46 -3.15 6.34
C GLU A 29 -20.42 -4.18 6.93
N GLN A 30 -20.32 -5.41 6.46
CA GLN A 30 -21.14 -6.47 7.04
C GLN A 30 -20.79 -6.69 8.51
N GLU A 31 -19.50 -6.78 8.79
CA GLU A 31 -19.01 -6.97 10.16
C GLU A 31 -19.45 -5.80 11.05
N LEU A 32 -19.41 -4.60 10.49
CA LEU A 32 -19.87 -3.41 11.20
C LEU A 32 -21.35 -3.50 11.52
N ALA A 33 -22.13 -4.06 10.59
CA ALA A 33 -23.55 -4.23 10.82
C ALA A 33 -23.82 -5.37 11.81
N ASP A 34 -23.00 -6.42 11.81
CA ASP A 34 -23.24 -7.57 12.68
C ASP A 34 -22.77 -7.22 14.08
N THR A 35 -22.38 -5.97 14.25
CA THR A 35 -21.82 -5.47 15.49
C THR A 35 -22.86 -4.61 16.22
N GLU A 36 -24.03 -4.45 15.62
CA GLU A 36 -25.07 -3.65 16.28
C GLU A 36 -25.67 -4.31 17.51
N THR A 37 -25.34 -5.58 17.78
CA THR A 37 -25.86 -6.26 18.96
C THR A 37 -25.37 -5.58 20.26
N ALA A 38 -24.49 -4.59 20.11
CA ALA A 38 -23.90 -3.90 21.25
C ALA A 38 -24.92 -2.99 21.93
N GLU A 39 -25.85 -2.43 21.15
CA GLU A 39 -26.90 -1.61 21.74
C GLU A 39 -27.61 -2.32 22.86
N LEU A 40 -28.00 -3.57 22.58
CA LEU A 40 -28.46 -4.50 23.60
C LEU A 40 -27.70 -4.32 24.91
N VAL A 41 -26.39 -4.57 24.87
CA VAL A 41 -25.53 -4.47 26.06
C VAL A 41 -25.71 -3.17 26.85
N ARG A 42 -25.80 -2.09 26.11
CA ARG A 42 -25.83 -0.79 26.69
C ARG A 42 -27.16 -0.57 27.31
N GLN A 43 -28.14 -1.29 26.83
CA GLN A 43 -29.49 -1.11 27.28
C GLN A 43 -29.71 -1.78 28.61
N LYS A 44 -29.19 -2.99 28.79
CA LYS A 44 -29.31 -3.65 30.06
C LYS A 44 -28.45 -3.01 31.12
N GLY A 45 -27.80 -1.92 30.79
CA GLY A 45 -26.95 -1.31 31.75
C GLY A 45 -27.58 -0.06 32.24
N GLU A 46 -27.91 0.77 31.28
CA GLU A 46 -29.03 1.64 31.15
C GLU A 46 -30.08 1.44 32.17
N LEU A 47 -30.74 0.31 32.10
CA LEU A 47 -31.90 0.06 32.92
C LEU A 47 -31.49 -0.70 34.12
N LEU A 48 -30.97 0.01 35.10
CA LEU A 48 -30.32 -0.54 36.26
C LEU A 48 -29.38 0.54 36.75
N SER A 84 -22.45 -11.95 41.90
CA SER A 84 -21.91 -11.62 40.58
C SER A 84 -23.00 -11.28 39.54
N GLN A 85 -23.18 -9.98 39.26
CA GLN A 85 -24.21 -9.48 38.33
C GLN A 85 -24.44 -7.96 38.43
N ASN A 86 -23.40 -7.14 38.29
CA ASN A 86 -23.53 -5.69 38.50
C ASN A 86 -24.07 -4.89 37.29
N ALA A 87 -24.36 -3.60 37.49
CA ALA A 87 -24.76 -2.70 36.41
C ALA A 87 -23.53 -2.21 35.69
N GLN A 88 -22.42 -2.41 36.36
CA GLN A 88 -21.15 -2.03 35.82
C GLN A 88 -20.59 -3.04 34.85
N ARG A 89 -20.70 -4.33 35.18
CA ARG A 89 -20.26 -5.36 34.24
C ARG A 89 -20.76 -5.05 32.82
N TYR A 90 -21.97 -4.51 32.68
CA TYR A 90 -22.51 -4.26 31.35
C TYR A 90 -21.96 -2.94 30.74
N PHE A 91 -21.68 -1.95 31.58
CA PHE A 91 -21.10 -0.72 31.08
C PHE A 91 -19.73 -0.95 30.48
N LYS A 92 -18.90 -1.74 31.15
CA LYS A 92 -17.54 -1.97 30.65
C LYS A 92 -17.52 -2.89 29.46
N LYS A 93 -18.51 -3.77 29.36
CA LYS A 93 -18.58 -4.63 28.20
C LYS A 93 -18.81 -3.74 27.02
N TYR A 94 -19.78 -2.84 27.18
CA TYR A 94 -20.18 -1.93 26.13
C TYR A 94 -19.11 -0.90 25.73
N GLN A 95 -18.25 -0.48 26.65
CA GLN A 95 -17.26 0.52 26.28
C GLN A 95 -16.23 -0.17 25.37
N LYS A 96 -15.95 -1.44 25.67
CA LYS A 96 -14.97 -2.18 24.89
C LYS A 96 -15.52 -2.53 23.50
N LEU A 97 -16.80 -2.83 23.42
CA LEU A 97 -17.42 -3.20 22.15
C LEU A 97 -17.45 -1.95 21.29
N LYS A 98 -17.71 -0.83 21.94
CA LYS A 98 -17.77 0.47 21.28
C LYS A 98 -16.41 0.92 20.74
N GLU A 99 -15.31 0.48 21.35
CA GLU A 99 -13.96 0.83 20.87
C GLU A 99 -13.66 0.05 19.61
N ALA A 100 -14.06 -1.22 19.60
CA ALA A 100 -13.88 -2.05 18.40
C ALA A 100 -14.71 -1.48 17.22
N VAL A 101 -15.94 -1.02 17.50
CA VAL A 101 -16.75 -0.37 16.49
C VAL A 101 -16.00 0.83 15.87
N LYS A 102 -15.38 1.63 16.75
CA LYS A 102 -14.55 2.76 16.31
C LYS A 102 -13.37 2.27 15.45
N HIS A 103 -12.70 1.21 15.87
CA HIS A 103 -11.58 0.68 15.11
C HIS A 103 -12.06 0.23 13.75
N LEU A 104 -13.16 -0.52 13.76
CA LEU A 104 -13.75 -1.00 12.51
C LEU A 104 -14.15 0.16 11.56
N THR A 105 -14.76 1.21 12.10
CA THR A 105 -15.02 2.43 11.32
C THR A 105 -13.74 3.05 10.71
N ASN A 106 -12.64 3.08 11.47
CA ASN A 106 -11.41 3.61 10.93
C ASN A 106 -10.92 2.75 9.77
N LEU A 107 -10.99 1.44 9.95
CA LEU A 107 -10.58 0.52 8.89
C LEU A 107 -11.44 0.72 7.63
N ILE A 108 -12.74 0.85 7.82
CA ILE A 108 -13.63 1.05 6.69
C ILE A 108 -13.27 2.30 5.91
N GLU A 109 -13.03 3.41 6.63
CA GLU A 109 -12.60 4.63 5.95
C GLU A 109 -11.28 4.41 5.22
N GLU A 110 -10.45 3.51 5.72
CA GLU A 110 -9.17 3.33 5.09
C GLU A 110 -9.38 2.56 3.79
N THR A 111 -10.24 1.55 3.81
CA THR A 111 -10.52 0.81 2.59
C THR A 111 -11.16 1.75 1.53
N LYS A 112 -12.11 2.59 1.94
CA LYS A 112 -12.72 3.52 1.00
C LYS A 112 -11.69 4.43 0.32
N SER A 113 -10.70 4.91 1.07
CA SER A 113 -9.76 5.85 0.48
C SER A 113 -8.80 5.10 -0.43
N THR A 114 -8.59 3.82 -0.18
CA THR A 114 -7.80 2.99 -1.09
C THR A 114 -8.51 2.80 -2.43
N ILE A 115 -9.80 2.52 -2.37
CA ILE A 115 -10.60 2.33 -3.56
C ILE A 115 -10.59 3.60 -4.41
N VAL A 116 -10.88 4.71 -3.76
CA VAL A 116 -10.87 6.03 -4.38
C VAL A 116 -9.53 6.31 -5.03
N TYR A 117 -8.45 5.98 -4.35
CA TYR A 117 -7.13 6.18 -4.93
C TYR A 117 -6.93 5.26 -6.14
N LEU A 118 -7.17 3.97 -5.97
CA LEU A 118 -7.05 3.04 -7.09
C LEU A 118 -7.97 3.41 -8.26
N GLU A 119 -9.18 3.92 -7.97
CA GLU A 119 -10.09 4.38 -9.03
C GLU A 119 -9.46 5.52 -9.84
N SER A 120 -8.74 6.42 -9.17
CA SER A 120 -8.02 7.50 -9.89
C SER A 120 -6.93 6.96 -10.79
N VAL A 121 -6.25 5.90 -10.36
CA VAL A 121 -5.20 5.29 -11.20
C VAL A 121 -5.83 4.63 -12.41
N ASP A 122 -6.97 3.97 -12.18
CA ASP A 122 -7.70 3.32 -13.26
C ASP A 122 -8.12 4.33 -14.33
N THR A 123 -8.62 5.49 -13.91
CA THR A 123 -8.91 6.57 -14.83
C THR A 123 -7.67 7.11 -15.55
N MET A 124 -6.58 7.43 -14.83
CA MET A 124 -5.40 7.95 -15.55
C MET A 124 -4.90 6.92 -16.58
N LEU A 125 -4.97 5.65 -16.21
CA LEU A 125 -4.46 4.56 -17.02
C LEU A 125 -5.15 4.39 -18.38
N GLY A 126 -6.47 4.53 -18.39
CA GLY A 126 -7.27 4.31 -19.60
C GLY A 126 -7.26 5.47 -20.59
N GLN A 127 -6.76 6.61 -20.15
CA GLN A 127 -6.67 7.79 -21.00
C GLN A 127 -5.23 8.19 -21.33
N ALA A 128 -4.28 7.32 -20.99
CA ALA A 128 -2.87 7.69 -21.10
C ALA A 128 -2.19 7.13 -22.33
N SER A 129 -1.20 7.85 -22.81
CA SER A 129 -0.32 7.31 -23.83
C SER A 129 0.60 6.28 -23.16
N LEU A 130 1.27 5.44 -23.96
CA LEU A 130 2.22 4.49 -23.40
C LEU A 130 3.34 5.18 -22.62
N ALA A 131 3.74 6.35 -23.11
CA ALA A 131 4.81 7.08 -22.45
C ALA A 131 4.35 7.48 -21.06
N GLU A 132 3.14 8.03 -20.99
CA GLU A 132 2.61 8.47 -19.70
C GLU A 132 2.39 7.29 -18.76
N ILE A 133 2.25 6.09 -19.34
CA ILE A 133 2.00 4.90 -18.53
C ILE A 133 3.27 4.50 -17.76
N ASP A 134 4.44 4.80 -18.35
CA ASP A 134 5.73 4.60 -17.67
C ASP A 134 5.83 5.43 -16.39
N GLU A 135 5.22 6.62 -16.38
CA GLU A 135 5.22 7.41 -15.16
C GLU A 135 4.19 6.88 -14.15
N ILE A 136 3.03 6.40 -14.64
CA ILE A 136 2.01 5.83 -13.74
C ILE A 136 2.59 4.59 -13.03
N ARG A 137 3.51 3.91 -13.69
CA ARG A 137 4.22 2.78 -13.12
C ARG A 137 5.11 3.24 -11.94
N GLU A 138 5.82 4.34 -12.14
CA GLU A 138 6.62 4.92 -11.07
C GLU A 138 5.79 5.31 -9.83
N GLU A 139 4.55 5.77 -10.06
CA GLU A 139 3.64 6.07 -8.96
C GLU A 139 3.22 4.80 -8.20
N LEU A 140 3.03 3.69 -8.92
CA LEU A 140 2.58 2.44 -8.32
C LEU A 140 3.70 1.72 -7.55
N ILE A 141 4.93 1.93 -8.01
CA ILE A 141 6.10 1.54 -7.27
C ILE A 141 6.18 2.32 -5.95
N GLU A 142 5.84 3.61 -6.00
CA GLU A 142 5.91 4.46 -4.81
C GLU A 142 4.80 4.21 -3.79
N THR A 143 3.62 3.80 -4.25
CA THR A 143 2.49 3.56 -3.36
C THR A 143 2.43 2.09 -2.97
N GLY A 144 3.38 1.32 -3.49
CA GLY A 144 3.61 -0.02 -3.01
C GLY A 144 3.00 -1.16 -3.81
N TYR A 145 2.40 -0.86 -4.97
CA TYR A 145 1.73 -1.92 -5.75
C TYR A 145 2.64 -2.62 -6.75
N LEU A 146 3.80 -2.02 -7.02
CA LEU A 146 4.75 -2.67 -7.91
C LEU A 146 6.14 -2.54 -7.36
N LYS A 147 6.96 -3.52 -7.67
CA LYS A 147 8.34 -3.48 -7.31
C LYS A 147 9.16 -3.51 -8.55
N ARG A 148 9.94 -2.46 -8.75
CA ARG A 148 10.91 -2.37 -9.80
C ARG A 148 11.61 -3.70 -10.03
N ARG A 149 11.59 -4.18 -11.26
CA ARG A 149 12.12 -5.49 -11.50
C ARG A 149 13.63 -5.54 -11.68
N HIS A 150 14.20 -6.73 -11.54
CA HIS A 150 15.62 -6.81 -11.89
C HIS A 150 16.02 -5.97 -13.10
N ARG A 151 17.07 -5.17 -12.89
CA ARG A 151 17.60 -4.23 -13.88
C ARG A 151 16.58 -3.52 -14.76
N GLU A 152 15.52 -3.01 -14.14
CA GLU A 152 14.52 -2.24 -14.86
C GLU A 152 14.78 -0.78 -14.58
N LYS A 153 14.79 0.01 -15.64
CA LYS A 153 15.21 1.40 -15.54
C LYS A 153 14.29 2.26 -14.67
N ILE A 154 14.78 3.45 -14.34
CA ILE A 154 14.01 4.40 -13.55
C ILE A 154 13.57 5.54 -14.44
N HIS A 155 12.28 5.55 -14.78
CA HIS A 155 11.75 6.58 -15.68
C HIS A 155 11.74 7.94 -14.98
N LYS A 156 12.37 8.93 -15.60
CA LYS A 156 12.35 10.31 -15.11
C LYS A 156 10.90 10.84 -15.01
N ARG A 157 10.60 11.56 -13.92
CA ARG A 157 9.27 12.16 -13.73
C ARG A 157 9.11 13.45 -14.53
N GLN A 158 8.05 13.50 -15.34
CA GLN A 158 7.85 14.62 -16.26
C GLN A 158 7.05 15.78 -15.66
N LYS A 159 7.02 16.89 -16.38
CA LYS A 159 6.24 18.05 -15.93
C LYS A 159 4.81 17.94 -16.49
N PRO A 160 3.84 18.62 -15.84
CA PRO A 160 2.45 18.63 -16.36
C PRO A 160 2.34 19.05 -17.83
N GLU A 161 1.30 18.54 -18.50
CA GLU A 161 1.07 18.84 -19.90
C GLU A 161 0.53 20.26 -20.08
N ARG A 162 1.05 20.96 -21.09
CA ARG A 162 0.74 22.36 -21.32
C ARG A 162 -0.29 22.55 -22.41
N TYR A 163 -1.22 23.45 -22.15
CA TYR A 163 -2.25 23.81 -23.13
C TYR A 163 -2.31 25.34 -23.22
N LEU A 164 -2.70 25.84 -24.39
CA LEU A 164 -2.84 27.27 -24.62
C LEU A 164 -4.34 27.61 -24.74
N ALA A 165 -4.83 28.46 -23.84
CA ALA A 165 -6.26 28.82 -23.83
C ALA A 165 -6.66 29.58 -25.10
N THR A 166 -7.97 29.73 -25.31
CA THR A 166 -8.53 30.25 -26.55
C THR A 166 -8.12 31.69 -26.81
N ASP A 167 -7.68 32.37 -25.76
CA ASP A 167 -7.22 33.75 -25.85
C ASP A 167 -5.82 33.78 -26.48
N GLY A 168 -5.21 32.60 -26.59
CA GLY A 168 -3.93 32.44 -27.25
C GLY A 168 -2.75 32.93 -26.45
N LYS A 169 -2.99 33.26 -25.19
CA LYS A 169 -1.94 33.79 -24.33
C LYS A 169 -1.72 32.93 -23.10
N THR A 170 -2.82 32.52 -22.47
CA THR A 170 -2.75 31.84 -21.17
C THR A 170 -2.39 30.35 -21.28
N ILE A 171 -1.46 29.93 -20.43
CA ILE A 171 -1.04 28.53 -20.34
C ILE A 171 -1.87 27.82 -19.27
N ILE A 172 -2.40 26.66 -19.61
CA ILE A 172 -3.10 25.83 -18.65
C ILE A 172 -2.32 24.54 -18.50
N LEU A 173 -2.17 24.09 -17.26
CA LEU A 173 -1.39 22.89 -16.98
C LEU A 173 -2.31 21.75 -16.53
N VAL A 174 -2.00 20.53 -16.97
CA VAL A 174 -2.85 19.37 -16.64
C VAL A 174 -2.03 18.19 -16.13
N GLY A 175 -2.32 17.73 -14.92
CA GLY A 175 -1.64 16.56 -14.41
C GLY A 175 -2.06 15.31 -15.15
N LYS A 176 -1.09 14.52 -15.59
CA LYS A 176 -1.39 13.27 -16.31
C LYS A 176 -1.22 12.06 -15.42
N ASN A 177 -0.89 12.30 -14.16
CA ASN A 177 -0.89 11.27 -13.14
C ASN A 177 -0.86 11.93 -11.77
N ASN A 178 -0.82 11.12 -10.71
CA ASN A 178 -0.96 11.67 -9.37
C ASN A 178 0.29 12.35 -8.78
N LEU A 179 1.47 11.95 -9.26
CA LEU A 179 2.71 12.60 -8.86
C LEU A 179 2.76 13.96 -9.54
N GLN A 180 2.34 14.01 -10.80
CA GLN A 180 2.21 15.31 -11.49
C GLN A 180 1.06 16.11 -10.88
N ASN A 181 -0.02 15.45 -10.52
CA ASN A 181 -1.15 16.13 -9.85
C ASN A 181 -0.68 16.88 -8.60
N ASP A 182 0.02 16.16 -7.72
CA ASP A 182 0.57 16.73 -6.51
C ASP A 182 1.61 17.81 -6.77
N GLU A 183 2.50 17.54 -7.70
CA GLU A 183 3.53 18.49 -8.05
C GLU A 183 2.93 19.79 -8.55
N LEU A 184 2.06 19.66 -9.54
CA LEU A 184 1.36 20.81 -10.11
C LEU A 184 0.63 21.61 -9.03
N THR A 185 -0.09 20.93 -8.13
CA THR A 185 -0.94 21.61 -7.14
C THR A 185 -0.15 22.19 -5.98
N PHE A 186 0.80 21.42 -5.46
CA PHE A 186 1.49 21.78 -4.22
C PHE A 186 2.92 22.28 -4.39
N LYS A 187 3.45 22.18 -5.60
CA LYS A 187 4.82 22.62 -5.83
C LYS A 187 4.85 23.77 -6.84
N MET A 188 4.20 23.57 -7.99
CA MET A 188 4.25 24.52 -9.09
C MET A 188 3.27 25.69 -9.00
N ALA A 189 2.07 25.44 -8.46
CA ALA A 189 1.04 26.48 -8.43
C ALA A 189 1.35 27.68 -7.51
N LYS A 190 1.22 28.89 -8.06
CA LYS A 190 1.48 30.11 -7.32
C LYS A 190 0.24 30.61 -6.57
N LYS A 191 0.41 31.68 -5.80
CA LYS A 191 -0.70 32.30 -5.08
C LYS A 191 -1.61 33.01 -6.08
N GLY A 192 -2.90 32.80 -5.94
CA GLY A 192 -3.89 33.39 -6.83
C GLY A 192 -4.33 32.52 -8.00
N GLU A 193 -3.46 31.60 -8.41
CA GLU A 193 -3.73 30.69 -9.54
C GLU A 193 -4.91 29.72 -9.28
N LEU A 194 -5.83 29.64 -10.23
CA LEU A 194 -7.03 28.82 -10.08
C LEU A 194 -6.83 27.36 -10.45
N TRP A 195 -7.50 26.49 -9.70
CA TRP A 195 -7.36 25.04 -9.84
C TRP A 195 -8.70 24.38 -10.17
N PHE A 196 -8.67 23.39 -11.06
CA PHE A 196 -9.89 22.76 -11.58
C PHE A 196 -9.86 21.25 -11.48
N HIS A 197 -11.00 20.66 -11.12
CA HIS A 197 -11.11 19.22 -11.04
C HIS A 197 -12.57 18.80 -11.22
N ALA A 198 -12.80 17.71 -11.93
CA ALA A 198 -14.17 17.22 -12.08
C ALA A 198 -14.69 16.90 -10.70
N LYS A 199 -15.90 17.35 -10.42
CA LYS A 199 -16.53 17.24 -9.12
C LYS A 199 -16.84 15.79 -8.81
N ASP A 200 -16.32 15.31 -7.69
CA ASP A 200 -16.72 14.04 -7.10
C ASP A 200 -16.36 12.79 -7.90
N ILE A 201 -15.51 12.94 -8.91
CA ILE A 201 -15.08 11.79 -9.70
C ILE A 201 -13.57 11.84 -9.95
N PRO A 202 -12.96 10.70 -10.28
CA PRO A 202 -11.51 10.73 -10.52
C PRO A 202 -11.11 11.54 -11.77
N GLY A 203 -10.11 12.41 -11.63
CA GLY A 203 -9.60 13.10 -12.79
C GLY A 203 -8.30 13.85 -12.55
N SER A 204 -7.79 14.47 -13.60
CA SER A 204 -6.59 15.27 -13.53
C SER A 204 -6.77 16.57 -12.72
N HIS A 205 -5.66 17.08 -12.16
CA HIS A 205 -5.66 18.42 -11.55
C HIS A 205 -5.32 19.42 -12.64
N VAL A 206 -6.05 20.55 -12.67
CA VAL A 206 -5.85 21.52 -13.74
C VAL A 206 -5.64 22.91 -13.19
N VAL A 207 -4.57 23.57 -13.65
CA VAL A 207 -4.28 24.91 -13.12
C VAL A 207 -4.02 25.97 -14.20
N ILE A 208 -4.68 27.11 -14.06
CA ILE A 208 -4.43 28.22 -14.97
C ILE A 208 -3.15 28.95 -14.53
N THR A 209 -2.28 29.21 -15.50
CA THR A 209 -0.95 29.75 -15.26
C THR A 209 -0.80 31.23 -15.67
N ASP A 210 -0.26 32.04 -14.75
CA ASP A 210 0.11 33.44 -14.97
C ASP A 210 -1.05 34.40 -15.25
N ASN A 211 -2.26 33.99 -14.87
CA ASN A 211 -3.46 34.80 -15.05
C ASN A 211 -4.29 34.73 -13.78
N LEU A 212 -4.28 35.80 -13.01
CA LEU A 212 -4.89 35.76 -11.68
C LEU A 212 -6.38 36.08 -11.72
N ASP A 213 -6.82 36.71 -12.81
CA ASP A 213 -8.23 37.03 -13.02
C ASP A 213 -8.64 36.64 -14.44
N PRO A 214 -8.90 35.34 -14.67
CA PRO A 214 -9.14 34.92 -16.05
C PRO A 214 -10.56 35.24 -16.45
N SER A 215 -10.77 35.43 -17.76
CA SER A 215 -12.11 35.66 -18.28
C SER A 215 -12.93 34.41 -18.10
N ASP A 216 -14.23 34.51 -18.30
CA ASP A 216 -15.07 33.31 -18.21
C ASP A 216 -14.83 32.35 -19.39
N GLU A 217 -14.21 32.89 -20.44
CA GLU A 217 -13.81 32.12 -21.59
C GLU A 217 -12.64 31.22 -21.22
N VAL A 218 -11.70 31.77 -20.47
CA VAL A 218 -10.56 31.03 -19.98
C VAL A 218 -10.94 30.02 -18.90
N LYS A 219 -11.87 30.39 -18.02
CA LYS A 219 -12.38 29.46 -16.99
C LYS A 219 -13.05 28.26 -17.64
N THR A 220 -13.88 28.53 -18.64
CA THR A 220 -14.56 27.44 -19.36
C THR A 220 -13.57 26.48 -20.03
N ASP A 221 -12.53 27.02 -20.67
CA ASP A 221 -11.45 26.19 -21.24
C ASP A 221 -10.80 25.26 -20.21
N ALA A 222 -10.41 25.82 -19.06
CA ALA A 222 -9.75 25.05 -18.02
C ALA A 222 -10.66 23.93 -17.47
N ALA A 223 -11.93 24.26 -17.28
CA ALA A 223 -12.88 23.28 -16.78
C ALA A 223 -13.12 22.20 -17.83
N GLU A 224 -13.04 22.58 -19.11
CA GLU A 224 -13.21 21.62 -20.18
C GLU A 224 -12.07 20.62 -20.20
N LEU A 225 -10.85 21.11 -19.92
CA LEU A 225 -9.70 20.23 -19.75
C LEU A 225 -9.86 19.30 -18.54
N ALA A 226 -10.32 19.84 -17.43
CA ALA A 226 -10.58 19.03 -16.24
C ALA A 226 -11.63 17.96 -16.54
N ALA A 227 -12.73 18.35 -17.16
CA ALA A 227 -13.80 17.40 -17.47
C ALA A 227 -13.38 16.39 -18.51
N TYR A 228 -12.62 16.85 -19.51
CA TYR A 228 -12.14 15.94 -20.54
C TYR A 228 -11.22 14.87 -19.97
N PHE A 229 -10.26 15.32 -19.15
CA PHE A 229 -9.31 14.43 -18.51
C PHE A 229 -9.86 13.90 -17.19
N SER A 230 -11.03 13.28 -17.26
CA SER A 230 -11.66 12.69 -16.10
C SER A 230 -12.42 11.42 -16.52
N LYS A 231 -13.11 10.81 -15.56
CA LYS A 231 -13.92 9.63 -15.81
C LYS A 231 -15.20 10.01 -16.56
N ALA A 232 -15.46 11.31 -16.70
CA ALA A 232 -16.68 11.79 -17.31
C ALA A 232 -16.46 12.27 -18.73
N ARG A 233 -15.38 11.81 -19.36
CA ARG A 233 -14.96 12.35 -20.65
C ARG A 233 -16.07 12.34 -21.73
N HIS A 234 -16.75 11.22 -21.89
CA HIS A 234 -17.73 11.11 -22.97
C HIS A 234 -19.18 11.38 -22.54
N SER A 235 -19.37 12.35 -21.65
CA SER A 235 -20.70 12.68 -21.18
C SER A 235 -20.94 14.16 -21.28
N ASN A 236 -22.21 14.58 -21.28
CA ASN A 236 -22.54 16.00 -21.37
C ASN A 236 -22.69 16.64 -20.00
N LEU A 237 -22.64 17.96 -19.97
CA LEU A 237 -22.70 18.76 -18.74
C LEU A 237 -21.98 18.17 -17.51
N VAL A 238 -20.66 18.24 -17.53
CA VAL A 238 -19.86 17.78 -16.40
C VAL A 238 -19.66 18.93 -15.42
N GLN A 239 -19.92 18.68 -14.15
CA GLN A 239 -19.62 19.66 -13.10
C GLN A 239 -18.13 19.60 -12.74
N VAL A 240 -17.44 20.73 -12.78
CA VAL A 240 -16.09 20.75 -12.26
C VAL A 240 -15.95 21.81 -11.17
N ASP A 241 -15.12 21.50 -10.17
CA ASP A 241 -14.86 22.42 -9.08
C ASP A 241 -13.74 23.41 -9.42
N MET A 242 -13.93 24.66 -9.03
CA MET A 242 -12.98 25.73 -9.26
C MET A 242 -12.69 26.45 -7.95
N ILE A 243 -11.40 26.60 -7.64
CA ILE A 243 -10.94 27.19 -6.38
C ILE A 243 -9.43 27.44 -6.45
N GLU A 244 -8.94 28.45 -5.73
CA GLU A 244 -7.49 28.74 -5.71
C GLU A 244 -6.73 27.53 -5.20
N ALA A 245 -5.65 27.20 -5.88
CA ALA A 245 -4.84 26.04 -5.53
C ALA A 245 -4.32 26.15 -4.10
N LYS A 246 -3.93 27.35 -3.69
CA LYS A 246 -3.33 27.57 -2.38
C LYS A 246 -4.37 27.42 -1.25
N LYS A 247 -5.58 27.02 -1.59
CA LYS A 247 -6.59 26.75 -0.59
C LYS A 247 -6.72 25.25 -0.43
N LEU A 248 -5.96 24.50 -1.23
CA LEU A 248 -6.00 23.03 -1.15
C LEU A 248 -5.06 22.49 -0.09
N HIS A 249 -5.52 21.45 0.59
CA HIS A 249 -4.75 20.82 1.64
C HIS A 249 -4.68 19.33 1.40
N LYS A 250 -3.46 18.82 1.31
CA LYS A 250 -3.21 17.37 1.28
C LYS A 250 -3.00 16.80 2.66
N PRO A 251 -4.02 16.07 3.17
CA PRO A 251 -3.95 15.44 4.50
C PRO A 251 -2.68 14.60 4.65
N THR A 252 -2.12 14.64 5.86
CA THR A 252 -0.92 13.89 6.16
C THR A 252 -1.22 12.41 5.97
N GLY A 253 -0.33 11.70 5.29
CA GLY A 253 -0.53 10.29 5.00
C GLY A 253 -1.49 10.07 3.85
N GLY A 254 -1.93 11.14 3.21
CA GLY A 254 -2.80 11.02 2.06
C GLY A 254 -2.10 10.47 0.84
N LYS A 255 -2.87 9.75 0.03
CA LYS A 255 -2.36 9.14 -1.18
C LYS A 255 -2.15 10.17 -2.28
N PRO A 256 -1.21 9.89 -3.23
CA PRO A 256 -0.90 10.82 -4.32
C PRO A 256 -2.17 11.26 -5.03
N GLY A 257 -2.30 12.54 -5.33
CA GLY A 257 -3.49 13.05 -5.97
C GLY A 257 -4.59 13.55 -5.05
N PHE A 258 -4.74 12.92 -3.89
CA PHE A 258 -5.83 13.28 -2.98
C PHE A 258 -5.67 14.65 -2.30
N VAL A 259 -6.77 15.39 -2.24
CA VAL A 259 -6.76 16.75 -1.70
C VAL A 259 -8.04 17.06 -0.94
N THR A 260 -8.08 18.22 -0.29
CA THR A 260 -9.19 18.57 0.56
C THR A 260 -9.38 20.07 0.49
N TYR A 261 -10.64 20.50 0.44
CA TYR A 261 -10.99 21.91 0.33
C TYR A 261 -12.46 22.09 0.65
N ARG A 262 -12.85 23.34 0.89
CA ARG A 262 -14.25 23.70 1.10
C ARG A 262 -14.50 25.08 0.48
N GLY A 263 -15.76 25.41 0.22
CA GLY A 263 -16.10 26.73 -0.31
C GLY A 263 -15.63 27.01 -1.74
N GLN A 264 -15.81 26.01 -2.61
CA GLN A 264 -15.37 26.12 -3.99
C GLN A 264 -16.52 26.52 -4.92
N LYS A 265 -16.18 27.15 -6.04
CA LYS A 265 -17.18 27.42 -7.07
C LYS A 265 -17.30 26.20 -7.98
N THR A 266 -18.43 26.07 -8.68
CA THR A 266 -18.61 24.97 -9.64
C THR A 266 -19.09 25.46 -11.00
N LEU A 267 -18.65 24.76 -12.05
CA LEU A 267 -19.05 25.06 -13.41
C LEU A 267 -19.64 23.80 -14.04
N ARG A 268 -20.42 23.97 -15.11
CA ARG A 268 -20.90 22.83 -15.90
C ARG A 268 -20.48 23.00 -17.35
N VAL A 269 -19.69 22.06 -17.85
CA VAL A 269 -19.10 22.17 -19.19
C VAL A 269 -19.28 20.88 -19.98
N THR A 270 -19.04 20.97 -21.28
CA THR A 270 -19.08 19.81 -22.17
C THR A 270 -17.81 19.79 -23.01
N PRO A 271 -16.88 18.88 -22.68
CA PRO A 271 -15.62 18.79 -23.41
C PRO A 271 -15.85 18.28 -24.83
N THR A 272 -15.03 18.77 -25.77
CA THR A 272 -15.00 18.34 -27.15
C THR A 272 -13.57 17.99 -27.56
N GLU A 273 -13.36 16.75 -28.00
CA GLU A 273 -12.05 16.28 -28.44
C GLU A 273 -11.34 17.25 -29.41
N ASP A 274 -12.09 17.89 -30.29
CA ASP A 274 -11.50 18.87 -31.20
C ASP A 274 -10.99 20.07 -30.43
N LYS A 275 -11.85 20.60 -29.56
CA LYS A 275 -11.53 21.77 -28.77
C LYS A 275 -10.26 21.54 -27.94
N ILE A 276 -10.21 20.38 -27.29
CA ILE A 276 -9.06 20.00 -26.48
C ILE A 276 -7.79 19.94 -27.34
N LYS A 277 -7.90 19.36 -28.53
CA LYS A 277 -6.76 19.21 -29.43
C LYS A 277 -6.26 20.54 -29.95
N SER A 278 -7.18 21.48 -30.18
CA SER A 278 -6.81 22.80 -30.67
C SER A 278 -5.98 23.58 -29.65
N MET A 279 -6.13 23.24 -28.37
CA MET A 279 -5.42 23.93 -27.31
C MET A 279 -4.10 23.25 -26.98
N LYS A 280 -3.87 22.07 -27.56
CA LYS A 280 -2.63 21.32 -27.35
C LYS A 280 -1.45 22.04 -27.99
N ILE A 281 -0.43 22.33 -27.19
CA ILE A 281 0.82 22.88 -27.68
C ILE A 281 1.73 21.80 -28.23
N ARG B 1 -10.65 2.42 28.59
CA ARG B 1 -10.07 3.54 27.84
C ARG B 1 -10.76 3.84 26.51
N ASP B 2 -10.90 5.13 26.25
CA ASP B 2 -11.58 5.64 25.07
C ASP B 2 -10.57 6.21 24.08
N ARG B 3 -9.33 5.73 24.18
CA ARG B 3 -8.26 6.10 23.26
C ARG B 3 -7.68 4.88 22.58
N VAL B 4 -8.13 3.71 23.02
CA VAL B 4 -7.61 2.45 22.49
C VAL B 4 -7.64 2.37 20.95
N ALA B 5 -8.79 2.66 20.34
CA ALA B 5 -8.90 2.63 18.87
C ALA B 5 -8.13 3.78 18.24
N GLN B 6 -8.18 4.95 18.84
CA GLN B 6 -7.37 6.07 18.39
C GLN B 6 -5.87 5.75 18.39
N GLN B 7 -5.40 5.09 19.45
CA GLN B 7 -3.99 4.71 19.49
C GLN B 7 -3.72 3.66 18.45
N ALA B 8 -4.67 2.76 18.23
CA ALA B 8 -4.54 1.75 17.19
C ALA B 8 -4.46 2.47 15.86
N ASN B 9 -5.07 3.64 15.81
CA ASN B 9 -5.05 4.36 14.58
C ASN B 9 -3.72 5.02 14.30
N GLU B 10 -3.12 5.65 15.32
CA GLU B 10 -1.79 6.25 15.20
C GLU B 10 -0.74 5.21 14.81
N LEU B 11 -0.80 4.06 15.47
CA LEU B 11 0.10 2.95 15.15
C LEU B 11 -0.01 2.56 13.67
N ILE B 12 -1.21 2.47 13.15
CA ILE B 12 -1.40 2.15 11.74
C ILE B 12 -0.88 3.24 10.83
N LYS B 13 -1.16 4.49 11.17
CA LYS B 13 -0.61 5.57 10.39
C LYS B 13 0.91 5.59 10.49
N ARG B 14 1.44 5.19 11.65
CA ARG B 14 2.88 5.18 11.87
C ARG B 14 3.59 4.19 10.95
N VAL B 15 3.08 2.96 10.88
CA VAL B 15 3.65 1.94 10.03
C VAL B 15 3.60 2.33 8.56
N ALA B 16 2.53 2.99 8.14
CA ALA B 16 2.43 3.43 6.75
C ALA B 16 3.46 4.53 6.43
N SER B 17 3.69 5.45 7.35
CA SER B 17 4.69 6.48 7.12
C SER B 17 6.08 5.87 6.95
N GLU B 18 6.37 4.83 7.73
CA GLU B 18 7.62 4.12 7.57
C GLU B 18 7.75 3.49 6.19
N LEU B 19 6.69 2.86 5.71
CA LEU B 19 6.70 2.25 4.37
C LEU B 19 7.01 3.31 3.34
N GLU B 20 6.27 4.42 3.45
CA GLU B 20 6.42 5.57 2.55
C GLU B 20 7.86 6.08 2.55
N LYS B 21 8.43 6.26 3.75
CA LYS B 21 9.79 6.80 3.90
C LYS B 21 10.80 5.86 3.24
N ASN B 22 10.66 4.57 3.49
CA ASN B 22 11.59 3.59 2.91
C ASN B 22 11.45 3.38 1.42
N ARG B 23 10.24 3.55 0.88
CA ARG B 23 10.08 3.45 -0.56
C ARG B 23 10.74 4.63 -1.24
N LYS B 24 10.57 5.84 -0.69
CA LYS B 24 11.26 7.04 -1.18
C LYS B 24 12.76 6.87 -1.04
N LYS B 25 13.15 6.21 0.04
CA LYS B 25 14.57 5.95 0.26
C LYS B 25 15.10 4.98 -0.78
N LEU B 26 14.29 3.98 -1.13
CA LEU B 26 14.73 2.97 -2.09
C LEU B 26 15.01 3.52 -3.49
N ILE B 27 14.11 4.37 -3.98
CA ILE B 27 14.26 4.97 -5.30
C ILE B 27 15.49 5.90 -5.29
N LYS B 28 15.74 6.54 -4.15
CA LYS B 28 16.89 7.43 -4.03
C LYS B 28 18.17 6.60 -4.11
N GLN B 29 18.19 5.47 -3.40
CA GLN B 29 19.35 4.60 -3.44
C GLN B 29 19.58 3.96 -4.81
N GLU B 30 18.50 3.55 -5.47
CA GLU B 30 18.60 2.96 -6.81
C GLU B 30 19.02 4.03 -7.83
N GLN B 31 18.54 5.25 -7.65
CA GLN B 31 18.93 6.35 -8.53
C GLN B 31 20.40 6.60 -8.43
N GLU B 32 20.86 6.65 -7.19
CA GLU B 32 22.26 6.89 -6.88
C GLU B 32 23.13 5.80 -7.51
N LEU B 33 22.65 4.56 -7.45
CA LEU B 33 23.37 3.43 -8.06
C LEU B 33 23.46 3.53 -9.59
N ALA B 34 22.40 4.00 -10.24
CA ALA B 34 22.41 4.15 -11.70
C ALA B 34 23.25 5.36 -12.12
N ASP B 35 23.29 6.37 -11.26
CA ASP B 35 24.00 7.62 -11.57
C ASP B 35 25.47 7.49 -11.22
N THR B 36 25.91 6.27 -10.96
CA THR B 36 27.27 6.07 -10.51
C THR B 36 28.12 5.80 -11.74
N GLU B 37 29.29 6.42 -11.72
CA GLU B 37 30.22 6.39 -12.82
C GLU B 37 30.62 4.93 -12.95
N THR B 38 30.47 4.36 -14.14
CA THR B 38 30.79 2.96 -14.34
C THR B 38 32.27 2.67 -14.16
N ALA B 39 32.61 1.73 -13.30
CA ALA B 39 33.99 1.37 -13.04
C ALA B 39 34.39 0.33 -14.05
N GLU B 40 35.34 0.72 -14.88
CA GLU B 40 36.00 -0.13 -15.84
C GLU B 40 37.32 0.58 -16.09
N LEU B 41 37.58 1.58 -15.24
CA LEU B 41 38.78 2.42 -15.32
C LEU B 41 39.92 1.72 -16.05
N VAL B 42 40.06 0.42 -15.82
CA VAL B 42 41.04 -0.37 -16.54
C VAL B 42 40.94 0.02 -18.02
N ARG B 43 39.93 0.82 -18.32
CA ARG B 43 39.69 1.30 -19.68
C ARG B 43 40.46 2.59 -19.94
N GLN B 44 40.33 3.55 -19.04
CA GLN B 44 41.05 4.84 -19.22
C GLN B 44 42.48 4.81 -18.64
N LYS B 45 43.05 3.67 -18.38
CA LYS B 45 44.40 3.73 -17.83
C LYS B 45 45.02 2.37 -17.97
N GLY B 46 44.50 1.64 -18.94
CA GLY B 46 45.19 0.54 -19.52
C GLY B 46 45.82 1.24 -20.68
N GLU B 47 45.71 2.56 -20.70
CA GLU B 47 46.38 3.36 -21.71
C GLU B 47 47.87 3.27 -21.53
N ILE B 48 48.49 2.68 -22.53
CA ILE B 48 49.88 2.32 -22.47
C ILE B 48 50.58 3.37 -23.31
N LEU B 49 49.90 4.47 -23.49
CA LEU B 49 50.31 5.40 -24.50
C LEU B 49 50.94 6.68 -23.98
N THR B 50 52.26 6.69 -24.06
CA THR B 50 53.10 7.81 -23.67
C THR B 50 52.62 9.17 -24.11
N THR B 51 51.77 9.23 -25.13
CA THR B 51 51.47 10.56 -25.71
C THR B 51 52.68 11.30 -26.31
N SER B 85 51.66 13.46 -16.52
CA SER B 85 52.74 13.06 -15.61
C SER B 85 52.80 11.54 -15.49
N GLN B 86 52.30 10.85 -16.52
CA GLN B 86 51.98 9.43 -16.40
C GLN B 86 51.15 9.45 -15.15
N ASN B 87 50.23 10.42 -15.13
CA ASN B 87 49.35 10.65 -14.00
C ASN B 87 48.09 9.88 -14.30
N ALA B 88 48.18 8.57 -14.23
CA ALA B 88 47.05 7.71 -14.55
C ALA B 88 46.54 7.05 -13.30
N GLN B 89 47.49 6.69 -12.46
CA GLN B 89 47.23 6.31 -11.05
C GLN B 89 45.97 6.92 -10.41
N ARG B 90 45.74 8.20 -10.67
CA ARG B 90 44.53 8.90 -10.25
C ARG B 90 43.25 8.12 -10.61
N TYR B 91 43.28 7.46 -11.77
CA TYR B 91 42.14 6.72 -12.31
C TYR B 91 42.08 5.26 -11.81
N PHE B 92 43.26 4.65 -11.60
CA PHE B 92 43.35 3.28 -11.11
C PHE B 92 42.73 3.28 -9.71
N LYS B 93 43.01 4.35 -8.97
CA LYS B 93 42.56 4.47 -7.61
C LYS B 93 41.05 4.75 -7.60
N LYS B 94 40.54 5.34 -8.69
CA LYS B 94 39.09 5.52 -8.84
C LYS B 94 38.39 4.22 -9.15
N TYR B 95 38.99 3.39 -10.01
CA TYR B 95 38.37 2.12 -10.36
C TYR B 95 38.08 1.33 -9.11
N GLN B 96 38.98 1.44 -8.15
CA GLN B 96 38.88 0.64 -6.93
C GLN B 96 37.82 1.24 -6.02
N LYS B 97 37.79 2.57 -5.93
CA LYS B 97 36.85 3.23 -5.05
C LYS B 97 35.44 3.01 -5.56
N LEU B 98 35.27 3.02 -6.88
CA LEU B 98 33.96 2.81 -7.47
C LEU B 98 33.46 1.37 -7.36
N LYS B 99 34.34 0.38 -7.53
CA LYS B 99 33.88 -1.00 -7.43
C LYS B 99 33.40 -1.26 -6.02
N GLU B 100 33.99 -0.55 -5.07
CA GLU B 100 33.65 -0.72 -3.66
C GLU B 100 32.39 0.04 -3.27
N ALA B 101 32.25 1.27 -3.78
CA ALA B 101 31.06 2.07 -3.53
C ALA B 101 29.81 1.38 -4.07
N VAL B 102 29.91 0.89 -5.31
CA VAL B 102 28.83 0.12 -5.92
C VAL B 102 28.43 -1.09 -5.08
N LYS B 103 29.43 -1.84 -4.58
CA LYS B 103 29.14 -2.97 -3.71
C LYS B 103 28.41 -2.54 -2.45
N HIS B 104 28.89 -1.46 -1.84
CA HIS B 104 28.29 -0.96 -0.61
C HIS B 104 26.85 -0.55 -0.84
N LEU B 105 26.65 0.23 -1.90
CA LEU B 105 25.34 0.72 -2.25
C LEU B 105 24.39 -0.44 -2.58
N THR B 106 24.88 -1.43 -3.32
CA THR B 106 24.10 -2.65 -3.52
C THR B 106 23.68 -3.29 -2.20
N ASN B 107 24.58 -3.31 -1.21
CA ASN B 107 24.25 -3.87 0.10
C ASN B 107 23.16 -3.04 0.80
N LEU B 108 23.29 -1.72 0.76
CA LEU B 108 22.31 -0.81 1.37
C LEU B 108 20.92 -1.02 0.75
N ILE B 109 20.88 -1.11 -0.58
CA ILE B 109 19.64 -1.31 -1.32
C ILE B 109 18.96 -2.59 -0.86
N GLU B 110 19.71 -3.69 -0.77
CA GLU B 110 19.13 -4.94 -0.28
C GLU B 110 18.58 -4.84 1.13
N GLU B 111 19.17 -4.00 1.97
CA GLU B 111 18.63 -3.87 3.32
C GLU B 111 17.35 -3.03 3.31
N THR B 112 17.31 -2.01 2.46
CA THR B 112 16.12 -1.21 2.38
C THR B 112 14.94 -2.10 1.97
N LYS B 113 15.15 -2.95 0.95
CA LYS B 113 14.12 -3.87 0.48
C LYS B 113 13.62 -4.83 1.56
N SER B 114 14.53 -5.35 2.39
CA SER B 114 14.12 -6.32 3.41
C SER B 114 13.38 -5.64 4.56
N THR B 115 13.67 -4.36 4.77
CA THR B 115 12.90 -3.51 5.70
C THR B 115 11.49 -3.27 5.15
N ILE B 116 11.41 -3.00 3.84
CA ILE B 116 10.11 -2.77 3.23
C ILE B 116 9.26 -4.05 3.34
N VAL B 117 9.85 -5.18 2.99
CA VAL B 117 9.16 -6.46 3.14
C VAL B 117 8.72 -6.72 4.58
N TYR B 118 9.56 -6.39 5.56
CA TYR B 118 9.16 -6.58 6.96
C TYR B 118 8.02 -5.65 7.36
N LEU B 119 8.15 -4.37 7.02
CA LEU B 119 7.09 -3.40 7.34
C LEU B 119 5.78 -3.80 6.66
N GLU B 120 5.87 -4.35 5.45
CA GLU B 120 4.68 -4.80 4.73
C GLU B 120 3.97 -5.92 5.47
N SER B 121 4.74 -6.85 6.04
CA SER B 121 4.13 -7.90 6.86
C SER B 121 3.42 -7.32 8.11
N VAL B 122 4.00 -6.28 8.70
CA VAL B 122 3.34 -5.63 9.82
C VAL B 122 2.03 -4.93 9.41
N ASP B 123 2.06 -4.28 8.24
CA ASP B 123 0.89 -3.59 7.73
C ASP B 123 -0.27 -4.56 7.49
N THR B 124 0.05 -5.71 6.94
CA THR B 124 -0.93 -6.78 6.76
C THR B 124 -1.47 -7.29 8.09
N MET B 125 -0.58 -7.67 9.03
CA MET B 125 -1.07 -8.16 10.33
C MET B 125 -1.95 -7.06 10.95
N LEU B 126 -1.54 -5.82 10.76
CA LEU B 126 -2.24 -4.67 11.35
C LEU B 126 -3.66 -4.55 10.84
N GLY B 127 -3.85 -4.78 9.54
CA GLY B 127 -5.15 -4.55 8.94
C GLY B 127 -6.18 -5.63 9.21
N GLN B 128 -5.69 -6.77 9.69
CA GLN B 128 -6.56 -7.90 9.99
C GLN B 128 -6.64 -8.26 11.48
N ALA B 129 -6.20 -7.34 12.34
CA ALA B 129 -6.08 -7.62 13.78
C ALA B 129 -7.22 -7.02 14.59
N SER B 130 -7.54 -7.71 15.68
CA SER B 130 -8.43 -7.16 16.69
C SER B 130 -7.61 -6.15 17.50
N LEU B 131 -8.27 -5.31 18.26
CA LEU B 131 -7.57 -4.35 19.14
C LEU B 131 -6.62 -5.09 20.09
N ALA B 132 -7.05 -6.25 20.57
CA ALA B 132 -6.23 -7.03 21.48
C ALA B 132 -4.94 -7.47 20.79
N GLU B 133 -5.07 -8.01 19.59
CA GLU B 133 -3.90 -8.48 18.84
C GLU B 133 -3.01 -7.30 18.45
N ILE B 134 -3.58 -6.12 18.39
CA ILE B 134 -2.80 -4.93 18.08
C ILE B 134 -1.84 -4.57 19.25
N ASP B 135 -2.24 -4.85 20.49
CA ASP B 135 -1.34 -4.66 21.64
C ASP B 135 -0.06 -5.50 21.49
N GLU B 136 -0.19 -6.71 20.94
CA GLU B 136 1.00 -7.52 20.78
C GLU B 136 1.85 -7.11 19.57
N ILE B 137 1.22 -6.63 18.51
CA ILE B 137 1.99 -6.10 17.39
C ILE B 137 2.75 -4.84 17.81
N ARG B 138 2.21 -4.10 18.78
CA ARG B 138 2.90 -2.93 19.31
C ARG B 138 4.21 -3.40 19.96
N GLU B 139 4.13 -4.47 20.76
CA GLU B 139 5.30 -5.06 21.38
C GLU B 139 6.34 -5.50 20.35
N GLU B 140 5.87 -5.98 19.21
CA GLU B 140 6.82 -6.37 18.19
C GLU B 140 7.56 -5.11 17.68
N LEU B 141 6.83 -3.99 17.57
CA LEU B 141 7.42 -2.80 16.99
C LEU B 141 8.38 -2.14 17.94
N ILE B 142 8.11 -2.33 19.23
CA ILE B 142 9.02 -1.93 20.26
C ILE B 142 10.33 -2.73 20.19
N GLU B 143 10.23 -4.03 19.98
CA GLU B 143 11.40 -4.90 19.89
C GLU B 143 12.22 -4.67 18.63
N THR B 144 11.55 -4.28 17.54
CA THR B 144 12.26 -4.10 16.28
C THR B 144 12.72 -2.64 16.08
N GLY B 145 12.41 -1.79 17.06
CA GLY B 145 12.95 -0.44 17.13
C GLY B 145 12.10 0.68 16.55
N TYR B 146 10.86 0.39 16.17
CA TYR B 146 9.96 1.40 15.59
C TYR B 146 9.12 2.17 16.60
N LEU B 147 9.05 1.66 17.83
CA LEU B 147 8.34 2.33 18.91
C LEU B 147 9.09 2.19 20.24
N LYS B 148 8.97 3.19 21.11
CA LYS B 148 9.52 3.09 22.45
C LYS B 148 8.38 3.00 23.44
N ARG B 149 8.48 2.17 24.44
CA ARG B 149 7.39 2.09 25.35
C ARG B 149 7.23 3.46 25.90
N ARG B 150 6.10 3.77 26.48
CA ARG B 150 5.91 5.14 26.87
C ARG B 150 6.11 5.29 28.35
N HIS B 151 6.34 6.49 28.82
CA HIS B 151 6.34 6.57 30.29
C HIS B 151 5.22 5.76 30.95
N ARG B 152 5.62 4.95 31.93
CA ARG B 152 4.72 4.11 32.73
C ARG B 152 3.54 3.46 31.98
N GLU B 153 3.88 2.82 30.86
CA GLU B 153 2.93 2.08 30.06
C GLU B 153 3.12 0.59 30.31
N LYS B 154 2.02 -0.13 30.47
CA LYS B 154 2.07 -1.54 30.82
C LYS B 154 2.80 -2.35 29.75
N ILE B 155 3.19 -3.56 30.12
CA ILE B 155 3.86 -4.47 29.21
C ILE B 155 2.92 -5.63 28.90
N HIS B 156 2.42 -5.63 27.67
CA HIS B 156 1.45 -6.64 27.27
C HIS B 156 2.13 -8.00 27.20
N LYS B 157 1.62 -8.95 27.98
CA LYS B 157 2.10 -10.33 27.98
C LYS B 157 1.93 -10.96 26.59
N ARG B 158 2.97 -11.65 26.12
CA ARG B 158 2.93 -12.22 24.79
C ARG B 158 2.10 -13.50 24.71
N GLN B 159 1.18 -13.52 23.74
CA GLN B 159 0.23 -14.62 23.61
C GLN B 159 0.75 -15.74 22.69
N LYS B 160 0.07 -16.88 22.73
CA LYS B 160 0.39 -18.00 21.85
C LYS B 160 -0.43 -17.87 20.56
N PRO B 161 0.00 -18.55 19.48
CA PRO B 161 -0.74 -18.55 18.21
C PRO B 161 -2.21 -18.92 18.39
N GLU B 162 -3.07 -18.43 17.50
CA GLU B 162 -4.49 -18.70 17.58
C GLU B 162 -4.75 -20.15 17.15
N ARG B 163 -5.60 -20.85 17.90
CA ARG B 163 -5.84 -22.26 17.66
C ARG B 163 -7.12 -22.47 16.89
N TYR B 164 -7.06 -23.36 15.91
CA TYR B 164 -8.24 -23.70 15.12
C TYR B 164 -8.47 -25.20 15.11
N LEU B 165 -9.74 -25.59 14.95
CA LEU B 165 -10.05 -27.00 14.85
C LEU B 165 -10.49 -27.28 13.41
N ALA B 166 -9.77 -28.16 12.72
CA ALA B 166 -10.10 -28.51 11.34
C ALA B 166 -11.47 -29.19 11.18
N THR B 167 -11.91 -29.35 9.92
CA THR B 167 -13.22 -29.89 9.56
C THR B 167 -13.35 -31.35 9.98
N ASP B 168 -12.23 -32.01 10.25
CA ASP B 168 -12.27 -33.40 10.70
C ASP B 168 -12.69 -33.44 12.14
N GLY B 169 -12.62 -32.30 12.80
CA GLY B 169 -12.98 -32.22 14.21
C GLY B 169 -11.94 -32.81 15.17
N LYS B 170 -10.76 -33.15 14.68
CA LYS B 170 -9.70 -33.70 15.55
C LYS B 170 -8.46 -32.82 15.54
N THR B 171 -8.05 -32.42 14.35
CA THR B 171 -6.77 -31.77 14.20
C THR B 171 -6.81 -30.29 14.58
N ILE B 172 -5.82 -29.90 15.39
CA ILE B 172 -5.65 -28.51 15.77
C ILE B 172 -4.69 -27.89 14.78
N ILE B 173 -5.08 -26.72 14.27
CA ILE B 173 -4.22 -25.92 13.41
C ILE B 173 -3.92 -24.57 14.06
N LEU B 174 -2.65 -24.21 14.08
CA LEU B 174 -2.19 -23.00 14.76
C LEU B 174 -1.84 -21.92 13.74
N VAL B 175 -2.15 -20.67 14.10
CA VAL B 175 -1.90 -19.53 13.24
C VAL B 175 -1.25 -18.36 14.00
N GLY B 176 -0.09 -17.91 13.53
CA GLY B 176 0.55 -16.74 14.12
C GLY B 176 -0.15 -15.43 13.78
N LYS B 177 -0.35 -14.57 14.79
CA LYS B 177 -1.04 -13.29 14.58
C LYS B 177 -0.12 -12.06 14.59
N ASN B 178 1.16 -12.30 14.72
CA ASN B 178 2.18 -11.31 14.51
C ASN B 178 3.46 -12.06 14.28
N ASN B 179 4.54 -11.33 14.01
CA ASN B 179 5.79 -11.95 13.63
C ASN B 179 6.54 -12.65 14.78
N LEU B 180 6.27 -12.25 16.01
CA LEU B 180 6.87 -12.90 17.16
C LEU B 180 6.24 -14.29 17.35
N GLN B 181 4.91 -14.36 17.21
CA GLN B 181 4.18 -15.62 17.27
C GLN B 181 4.57 -16.45 16.05
N ASN B 182 4.72 -15.78 14.92
CA ASN B 182 5.18 -16.47 13.72
C ASN B 182 6.49 -17.25 13.95
N ASP B 183 7.56 -16.56 14.38
CA ASP B 183 8.86 -17.18 14.65
C ASP B 183 8.77 -18.24 15.72
N GLU B 184 8.06 -17.92 16.79
CA GLU B 184 7.86 -18.86 17.89
C GLU B 184 7.20 -20.16 17.45
N LEU B 185 6.07 -20.04 16.75
CA LEU B 185 5.34 -21.19 16.25
C LEU B 185 6.25 -22.03 15.37
N THR B 186 6.98 -21.36 14.48
CA THR B 186 7.76 -22.04 13.46
C THR B 186 9.06 -22.67 13.97
N PHE B 187 9.79 -21.93 14.81
CA PHE B 187 11.14 -22.31 15.26
C PHE B 187 11.23 -22.80 16.72
N LYS B 188 10.15 -22.65 17.47
CA LYS B 188 10.09 -23.12 18.86
C LYS B 188 9.03 -24.21 19.02
N MET B 189 7.79 -23.95 18.57
CA MET B 189 6.66 -24.86 18.83
C MET B 189 6.56 -26.06 17.88
N ALA B 190 6.91 -25.87 16.61
CA ALA B 190 6.76 -26.92 15.61
C ALA B 190 7.66 -28.14 15.85
N LYS B 191 7.05 -29.33 15.80
CA LYS B 191 7.78 -30.59 15.93
C LYS B 191 8.24 -31.08 14.56
N LYS B 192 9.07 -32.11 14.55
CA LYS B 192 9.53 -32.72 13.31
C LYS B 192 8.35 -33.42 12.60
N GLY B 193 8.22 -33.20 11.31
CA GLY B 193 7.15 -33.80 10.54
C GLY B 193 5.92 -32.93 10.40
N GLU B 194 5.70 -32.01 11.34
CA GLU B 194 4.54 -31.11 11.26
C GLU B 194 4.63 -30.13 10.09
N LEU B 195 3.56 -30.05 9.31
CA LEU B 195 3.54 -29.26 8.08
C LEU B 195 3.25 -27.79 8.33
N TRP B 196 3.91 -26.94 7.53
CA TRP B 196 3.85 -25.49 7.67
C TRP B 196 3.27 -24.85 6.40
N PHE B 197 2.43 -23.84 6.58
CA PHE B 197 1.73 -23.19 5.46
C PHE B 197 1.92 -21.69 5.45
N HIS B 198 2.14 -21.13 4.26
CA HIS B 198 2.21 -19.70 4.11
C HIS B 198 1.80 -19.35 2.69
N ALA B 199 1.06 -18.25 2.53
CA ALA B 199 0.70 -17.79 1.21
C ALA B 199 1.97 -17.47 0.42
N LYS B 200 2.05 -17.96 -0.82
CA LYS B 200 3.24 -17.83 -1.66
C LYS B 200 3.59 -16.40 -2.08
N ASP B 201 4.79 -15.96 -1.68
CA ASP B 201 5.38 -14.70 -2.15
C ASP B 201 4.66 -13.41 -1.71
N ILE B 202 3.76 -13.50 -0.74
CA ILE B 202 3.08 -12.31 -0.21
C ILE B 202 3.03 -12.34 1.33
N PRO B 203 2.87 -11.17 1.97
CA PRO B 203 2.84 -11.17 3.45
C PRO B 203 1.62 -11.88 4.07
N GLY B 204 1.87 -12.74 5.05
CA GLY B 204 0.78 -13.38 5.79
C GLY B 204 1.27 -14.17 7.02
N SER B 205 0.33 -14.76 7.75
CA SER B 205 0.63 -15.56 8.91
C SER B 205 1.34 -16.90 8.59
N HIS B 206 2.10 -17.42 9.56
CA HIS B 206 2.64 -18.77 9.53
C HIS B 206 1.57 -19.68 10.09
N VAL B 207 1.37 -20.82 9.45
CA VAL B 207 0.32 -21.74 9.82
C VAL B 207 0.90 -23.12 9.93
N VAL B 208 0.61 -23.82 11.02
CA VAL B 208 1.18 -25.14 11.25
C VAL B 208 0.11 -26.14 11.61
N ILE B 209 0.14 -27.32 11.00
CA ILE B 209 -0.75 -28.39 11.42
C ILE B 209 -0.17 -29.14 12.60
N THR B 210 -0.96 -29.33 13.65
CA THR B 210 -0.48 -29.95 14.89
C THR B 210 -0.94 -31.39 15.10
N ASP B 211 -0.01 -32.26 15.47
CA ASP B 211 -0.29 -33.65 15.89
C ASP B 211 -0.84 -34.53 14.82
N ASN B 212 -0.63 -34.14 13.57
CA ASN B 212 -1.10 -34.92 12.45
C ASN B 212 0.00 -34.89 11.40
N LEU B 213 0.75 -35.99 11.32
CA LEU B 213 1.97 -36.01 10.52
C LEU B 213 1.74 -36.42 9.06
N ASP B 214 0.57 -37.01 8.80
CA ASP B 214 0.13 -37.28 7.42
C ASP B 214 -1.36 -36.92 7.27
N PRO B 215 -1.65 -35.63 7.10
CA PRO B 215 -3.06 -35.20 7.10
C PRO B 215 -3.76 -35.45 5.77
N SER B 216 -5.10 -35.54 5.80
CA SER B 216 -5.88 -35.71 4.58
C SER B 216 -5.75 -34.45 3.73
N ASP B 217 -6.21 -34.54 2.48
CA ASP B 217 -6.22 -33.38 1.61
C ASP B 217 -7.27 -32.40 2.10
N GLU B 218 -8.21 -32.89 2.91
CA GLU B 218 -9.20 -32.02 3.53
C GLU B 218 -8.57 -31.17 4.65
N VAL B 219 -7.75 -31.79 5.51
CA VAL B 219 -7.04 -31.03 6.56
C VAL B 219 -5.96 -30.09 5.98
N LYS B 220 -5.27 -30.54 4.94
CA LYS B 220 -4.27 -29.68 4.31
C LYS B 220 -4.90 -28.41 3.76
N THR B 221 -6.04 -28.60 3.09
CA THR B 221 -6.85 -27.53 2.51
C THR B 221 -7.35 -26.53 3.55
N ASP B 222 -7.84 -27.04 4.68
CA ASP B 222 -8.19 -26.19 5.82
C ASP B 222 -7.01 -25.32 6.26
N ALA B 223 -5.85 -25.93 6.40
CA ALA B 223 -4.65 -25.21 6.80
C ALA B 223 -4.26 -24.18 5.77
N ALA B 224 -4.31 -24.55 4.50
CA ALA B 224 -3.90 -23.63 3.44
C ALA B 224 -4.84 -22.43 3.39
N GLU B 225 -6.12 -22.70 3.62
CA GLU B 225 -7.17 -21.68 3.67
C GLU B 225 -7.01 -20.71 4.87
N LEU B 226 -6.55 -21.23 6.01
CA LEU B 226 -6.22 -20.34 7.12
C LEU B 226 -5.06 -19.43 6.74
N ALA B 227 -4.05 -19.99 6.07
CA ALA B 227 -2.90 -19.22 5.57
C ALA B 227 -3.29 -18.15 4.53
N ALA B 228 -4.10 -18.54 3.55
CA ALA B 228 -4.53 -17.59 2.53
C ALA B 228 -5.45 -16.54 3.13
N TYR B 229 -6.31 -16.94 4.07
CA TYR B 229 -7.21 -15.98 4.70
C TYR B 229 -6.41 -14.94 5.48
N PHE B 230 -5.44 -15.41 6.27
CA PHE B 230 -4.64 -14.47 7.07
C PHE B 230 -3.42 -14.00 6.31
N SER B 231 -3.66 -13.41 5.14
CA SER B 231 -2.60 -12.88 4.29
C SER B 231 -3.10 -11.67 3.50
N LYS B 232 -2.22 -11.13 2.65
CA LYS B 232 -2.56 -9.98 1.84
C LYS B 232 -3.52 -10.38 0.70
N ALA B 233 -3.72 -11.69 0.53
CA ALA B 233 -4.57 -12.21 -0.56
C ALA B 233 -5.93 -12.66 -0.05
N ARG B 234 -6.36 -12.10 1.08
CA ARG B 234 -7.60 -12.56 1.73
C ARG B 234 -8.83 -12.54 0.81
N HIS B 235 -9.09 -11.41 0.17
CA HIS B 235 -10.32 -11.28 -0.63
C HIS B 235 -10.16 -11.51 -2.12
N SER B 236 -9.37 -12.48 -2.52
CA SER B 236 -9.16 -12.74 -3.92
C SER B 236 -9.38 -14.23 -4.14
N ASN B 237 -9.59 -14.67 -5.39
CA ASN B 237 -9.78 -16.10 -5.63
C ASN B 237 -8.47 -16.83 -5.93
N LEU B 238 -8.52 -18.16 -5.84
CA LEU B 238 -7.37 -19.04 -6.07
C LEU B 238 -6.03 -18.49 -5.60
N VAL B 239 -5.82 -18.53 -4.30
CA VAL B 239 -4.56 -18.11 -3.69
C VAL B 239 -3.60 -19.29 -3.62
N GLN B 240 -2.35 -19.08 -4.04
CA GLN B 240 -1.31 -20.08 -3.86
C GLN B 240 -0.73 -20.06 -2.43
N VAL B 241 -0.72 -21.21 -1.76
CA VAL B 241 0.00 -21.28 -0.48
C VAL B 241 1.05 -22.37 -0.52
N ASP B 242 2.19 -22.11 0.09
CA ASP B 242 3.28 -23.08 0.16
C ASP B 242 3.10 -24.03 1.33
N MET B 243 3.44 -25.30 1.09
CA MET B 243 3.35 -26.34 2.10
C MET B 243 4.68 -27.07 2.13
N ILE B 244 5.22 -27.21 3.33
CA ILE B 244 6.52 -27.84 3.54
C ILE B 244 6.63 -28.10 5.03
N GLU B 245 7.41 -29.11 5.41
CA GLU B 245 7.65 -29.41 6.83
C GLU B 245 8.33 -28.21 7.50
N ALA B 246 7.86 -27.87 8.70
CA ALA B 246 8.37 -26.72 9.43
C ALA B 246 9.86 -26.79 9.72
N LYS B 247 10.35 -28.00 9.99
CA LYS B 247 11.76 -28.20 10.31
C LYS B 247 12.69 -27.99 9.12
N LYS B 248 12.11 -27.58 8.00
CA LYS B 248 12.86 -27.35 6.79
C LYS B 248 13.07 -25.86 6.57
N LEU B 249 12.50 -25.05 7.47
CA LEU B 249 12.60 -23.60 7.38
C LEU B 249 13.88 -23.06 7.99
N HIS B 250 14.44 -22.01 7.41
CA HIS B 250 15.69 -21.47 7.92
C HIS B 250 15.53 -19.97 8.16
N LYS B 251 15.79 -19.53 9.38
CA LYS B 251 15.86 -18.11 9.69
C LYS B 251 17.30 -17.60 9.59
N PRO B 252 17.60 -16.83 8.52
CA PRO B 252 18.93 -16.23 8.31
C PRO B 252 19.37 -15.44 9.52
N THR B 253 20.66 -15.46 9.84
CA THR B 253 21.17 -14.74 11.00
C THR B 253 20.89 -13.25 10.81
N GLY B 254 20.32 -12.62 11.83
CA GLY B 254 19.96 -11.22 11.77
C GLY B 254 18.67 -10.91 11.04
N GLY B 255 17.92 -11.94 10.67
CA GLY B 255 16.67 -11.76 9.96
C GLY B 255 15.57 -11.13 10.80
N LYS B 256 14.69 -10.38 10.16
CA LYS B 256 13.66 -9.69 10.89
C LYS B 256 12.56 -10.68 11.30
N PRO B 257 11.85 -10.39 12.42
CA PRO B 257 10.83 -11.32 12.89
C PRO B 257 9.87 -11.72 11.77
N GLY B 258 9.56 -13.02 11.67
CA GLY B 258 8.67 -13.50 10.63
C GLY B 258 9.34 -13.97 9.35
N PHE B 259 10.46 -13.35 8.99
CA PHE B 259 11.14 -13.73 7.76
C PHE B 259 11.82 -15.10 7.87
N VAL B 260 11.62 -15.92 6.83
CA VAL B 260 12.08 -17.32 6.79
C VAL B 260 12.56 -17.66 5.39
N THR B 261 13.12 -18.87 5.25
CA THR B 261 13.73 -19.33 4.00
C THR B 261 13.52 -20.82 3.82
N TYR B 262 13.20 -21.24 2.60
CA TYR B 262 12.99 -22.65 2.32
C TYR B 262 12.99 -22.93 0.83
N ARG B 263 13.20 -24.20 0.46
CA ARG B 263 13.16 -24.59 -0.94
C ARG B 263 12.53 -25.97 -1.06
N GLY B 264 12.03 -26.28 -2.25
CA GLY B 264 11.38 -27.56 -2.50
C GLY B 264 10.02 -27.75 -1.84
N GLN B 265 9.20 -26.70 -1.86
CA GLN B 265 7.90 -26.74 -1.19
C GLN B 265 6.84 -27.15 -2.19
N LYS B 266 5.75 -27.71 -1.66
CA LYS B 266 4.59 -27.99 -2.48
C LYS B 266 3.70 -26.75 -2.51
N THR B 267 2.87 -26.62 -3.53
CA THR B 267 1.98 -25.48 -3.56
C THR B 267 0.54 -25.92 -3.75
N LEU B 268 -0.38 -25.19 -3.11
CA LEU B 268 -1.80 -25.48 -3.19
C LEU B 268 -2.54 -24.22 -3.67
N ARG B 269 -3.73 -24.39 -4.21
CA ARG B 269 -4.53 -23.24 -4.60
C ARG B 269 -5.92 -23.33 -3.99
N VAL B 270 -6.24 -22.37 -3.13
CA VAL B 270 -7.45 -22.42 -2.33
C VAL B 270 -8.19 -21.10 -2.38
N THR B 271 -9.43 -21.09 -1.93
CA THR B 271 -10.19 -19.85 -1.86
C THR B 271 -10.78 -19.72 -0.47
N PRO B 272 -10.20 -18.85 0.35
CA PRO B 272 -10.68 -18.74 1.72
C PRO B 272 -12.11 -18.19 1.77
N THR B 273 -12.88 -18.66 2.73
CA THR B 273 -14.23 -18.19 2.97
C THR B 273 -14.41 -17.80 4.44
N GLU B 274 -14.85 -16.57 4.66
CA GLU B 274 -15.15 -16.10 6.01
C GLU B 274 -15.99 -17.06 6.84
N ASP B 275 -16.94 -17.74 6.18
CA ASP B 275 -17.72 -18.74 6.88
C ASP B 275 -16.89 -19.94 7.26
N LYS B 276 -16.08 -20.42 6.31
CA LYS B 276 -15.27 -21.61 6.55
C LYS B 276 -14.31 -21.41 7.73
N ILE B 277 -13.62 -20.28 7.70
CA ILE B 277 -12.68 -19.91 8.74
C ILE B 277 -13.39 -19.82 10.09
N LYS B 278 -14.58 -19.21 10.11
CA LYS B 278 -15.30 -19.01 11.36
C LYS B 278 -15.76 -20.32 11.96
N SER B 279 -16.11 -21.28 11.10
CA SER B 279 -16.54 -22.60 11.56
C SER B 279 -15.42 -23.37 12.27
N MET B 280 -14.16 -23.03 11.99
CA MET B 280 -13.01 -23.70 12.60
C MET B 280 -12.51 -22.96 13.85
N LYS B 281 -13.04 -21.78 14.08
CA LYS B 281 -12.59 -20.91 15.19
C LYS B 281 -12.94 -21.48 16.58
N ILE B 282 -11.95 -21.77 17.40
CA ILE B 282 -12.27 -22.16 18.79
C ILE B 282 -12.40 -20.94 19.70
#